data_5OJG
#
_entry.id   5OJG
#
_cell.length_a   93.600
_cell.length_b   93.600
_cell.length_c   132.010
_cell.angle_alpha   90.00
_cell.angle_beta   90.00
_cell.angle_gamma   90.00
#
_symmetry.space_group_name_H-M   'P 42 21 2'
#
loop_
_entity.id
_entity.type
_entity.pdbx_description
1 polymer 'Dehydrogenase/reductase SDR family member 4'
2 non-polymer 'NADP NICOTINAMIDE-ADENINE-DINUCLEOTIDE PHOSPHATE'
3 non-polymer butane-2,3-dione
4 water water
#
_entity_poly.entity_id   1
_entity_poly.type   'polypeptide(L)'
_entity_poly.pdbx_seq_one_letter_code
;MPSNCRRFEGKVAIVTAATKGIGLAIAERLLDEGASVVIGSRNQKNVDEAIEYLKNKGLTKVAGIAGHIASTDDQKKLVD
FTLQKFGKINILVNNHGINPAFGHILEVSDQVWDKLFEVNVKAGFQMTKLVHPHIAKEGGGAIIFNASYSAYKSPPGIAA
YGVTKTTLVGLTRALAMGLAKDNIRVNGIAPGVIKTKMSQVLWDGGEDAEKELTDIQEIALGRLGVPDDCAGTVAYLASD
DSSYITGEMIIIAGGVQARL
;
_entity_poly.pdbx_strand_id   A,B
#
loop_
_chem_comp.id
_chem_comp.type
_chem_comp.name
_chem_comp.formula
BUO non-polymer butane-2,3-dione 'C4 H6 O2'
NAP non-polymer 'NADP NICOTINAMIDE-ADENINE-DINUCLEOTIDE PHOSPHATE' 'C21 H28 N7 O17 P3'
#
# COMPACT_ATOMS: atom_id res chain seq x y z
N MET A 1 -10.27 10.22 11.26
CA MET A 1 -10.68 8.90 10.74
C MET A 1 -11.49 9.04 9.43
N PRO A 2 -12.59 9.85 9.41
CA PRO A 2 -13.30 10.00 8.15
C PRO A 2 -12.37 10.63 7.10
N SER A 3 -12.14 9.92 6.01
CA SER A 3 -11.26 10.37 4.99
C SER A 3 -11.99 11.20 3.94
N ASN A 4 -13.34 11.14 3.95
CA ASN A 4 -14.20 11.64 2.87
C ASN A 4 -14.01 10.91 1.54
N CYS A 5 -13.13 9.88 1.54
CA CYS A 5 -12.97 9.05 0.36
C CYS A 5 -14.34 8.36 0.15
N ARG A 6 -14.74 8.31 -1.10
CA ARG A 6 -15.89 7.63 -1.57
C ARG A 6 -15.48 6.96 -2.84
N ARG A 7 -14.58 5.99 -2.73
CA ARG A 7 -14.08 5.34 -3.89
C ARG A 7 -14.94 4.10 -4.26
N PHE A 8 -15.99 3.81 -3.49
CA PHE A 8 -16.69 2.56 -3.66
C PHE A 8 -18.17 2.69 -3.97
N GLU A 9 -18.59 3.86 -4.42
CA GLU A 9 -19.98 4.07 -4.79
C GLU A 9 -20.33 3.16 -5.93
N GLY A 10 -21.44 2.42 -5.75
CA GLY A 10 -21.91 1.49 -6.74
C GLY A 10 -21.11 0.21 -6.84
N LYS A 11 -20.28 -0.09 -5.85
CA LYS A 11 -19.54 -1.35 -5.80
C LYS A 11 -20.13 -2.21 -4.75
N VAL A 12 -20.01 -3.52 -4.98
CA VAL A 12 -20.45 -4.51 -4.03
C VAL A 12 -19.29 -5.31 -3.56
N ALA A 13 -19.14 -5.44 -2.25
CA ALA A 13 -18.06 -6.27 -1.73
C ALA A 13 -18.55 -7.33 -0.82
N ILE A 14 -17.88 -8.48 -0.85
CA ILE A 14 -18.04 -9.52 0.16
C ILE A 14 -16.81 -9.44 1.07
N VAL A 15 -17.03 -9.43 2.36
CA VAL A 15 -15.93 -9.51 3.31
C VAL A 15 -16.21 -10.69 4.19
N THR A 16 -15.31 -11.66 4.13
CA THR A 16 -15.53 -12.88 4.88
C THR A 16 -15.12 -12.71 6.31
N ALA A 17 -15.68 -13.52 7.18
CA ALA A 17 -15.33 -13.56 8.56
C ALA A 17 -15.28 -12.17 9.19
N ALA A 18 -16.34 -11.41 8.94
CA ALA A 18 -16.33 -9.97 9.11
C ALA A 18 -17.33 -9.43 10.13
N THR A 19 -17.54 -10.18 11.20
CA THR A 19 -18.45 -9.74 12.23
C THR A 19 -17.75 -9.22 13.46
N LYS A 20 -16.42 -9.35 13.51
CA LYS A 20 -15.57 -8.87 14.62
C LYS A 20 -14.24 -8.44 13.98
N GLY A 21 -13.43 -7.73 14.78
CA GLY A 21 -12.06 -7.48 14.43
C GLY A 21 -11.83 -6.87 13.04
N ILE A 22 -10.78 -7.34 12.40
CA ILE A 22 -10.24 -6.71 11.19
C ILE A 22 -11.31 -6.68 10.12
N GLY A 23 -12.01 -7.80 9.97
CA GLY A 23 -13.02 -7.91 8.95
C GLY A 23 -14.15 -6.92 9.11
N LEU A 24 -14.56 -6.69 10.35
CA LEU A 24 -15.64 -5.74 10.55
C LEU A 24 -15.17 -4.32 10.26
N ALA A 25 -13.93 -4.01 10.66
CA ALA A 25 -13.36 -2.70 10.33
C ALA A 25 -13.28 -2.53 8.82
N ILE A 26 -12.88 -3.59 8.09
CA ILE A 26 -12.80 -3.47 6.64
C ILE A 26 -14.18 -3.17 6.07
N ALA A 27 -15.20 -3.87 6.54
CA ALA A 27 -16.56 -3.71 6.05
C ALA A 27 -17.07 -2.31 6.35
N GLU A 28 -16.86 -1.87 7.58
CA GLU A 28 -17.26 -0.51 7.95
C GLU A 28 -16.66 0.56 7.00
N ARG A 29 -15.38 0.41 6.68
CA ARG A 29 -14.69 1.41 5.87
C ARG A 29 -15.22 1.39 4.44
N LEU A 30 -15.37 0.18 3.89
CA LEU A 30 -15.95 0.10 2.56
C LEU A 30 -17.34 0.71 2.54
N LEU A 31 -18.15 0.43 3.55
CA LEU A 31 -19.47 1.07 3.68
C LEU A 31 -19.39 2.63 3.77
N ASP A 32 -18.47 3.17 4.59
CA ASP A 32 -18.23 4.62 4.65
C ASP A 32 -17.90 5.18 3.29
N GLU A 33 -17.17 4.46 2.46
CA GLU A 33 -16.86 4.92 1.10
C GLU A 33 -17.89 4.61 0.01
N GLY A 34 -19.08 4.15 0.41
CA GLY A 34 -20.23 4.02 -0.45
C GLY A 34 -20.54 2.64 -1.00
N ALA A 35 -19.79 1.62 -0.58
CA ALA A 35 -20.02 0.27 -1.06
C ALA A 35 -21.30 -0.29 -0.45
N SER A 36 -21.85 -1.26 -1.16
CA SER A 36 -22.75 -2.26 -0.53
C SER A 36 -21.87 -3.45 -0.18
N VAL A 37 -22.10 -3.99 1.00
CA VAL A 37 -21.23 -5.00 1.55
C VAL A 37 -22.03 -6.15 2.13
N VAL A 38 -21.59 -7.37 1.86
CA VAL A 38 -22.11 -8.53 2.54
C VAL A 38 -21.02 -9.01 3.45
N ILE A 39 -21.39 -9.21 4.71
CA ILE A 39 -20.54 -9.85 5.69
C ILE A 39 -21.07 -11.23 6.06
N GLY A 40 -20.16 -12.08 6.55
CA GLY A 40 -20.54 -13.37 7.03
C GLY A 40 -19.67 -13.81 8.17
N SER A 41 -20.19 -14.68 9.03
CA SER A 41 -19.37 -15.42 9.96
C SER A 41 -20.16 -16.65 10.42
N ARG A 42 -19.58 -17.52 11.24
CA ARG A 42 -20.30 -18.75 11.64
C ARG A 42 -21.58 -18.50 12.41
N ASN A 43 -21.56 -17.53 13.30
CA ASN A 43 -22.58 -17.46 14.32
C ASN A 43 -23.58 -16.35 13.98
N GLN A 44 -24.84 -16.73 13.77
CA GLN A 44 -25.91 -15.76 13.45
C GLN A 44 -26.02 -14.56 14.43
N LYS A 45 -25.82 -14.82 15.71
CA LYS A 45 -25.81 -13.76 16.72
C LYS A 45 -24.69 -12.72 16.44
N ASN A 46 -23.49 -13.19 16.07
CA ASN A 46 -22.43 -12.28 15.68
C ASN A 46 -22.81 -11.51 14.43
N VAL A 47 -23.42 -12.19 13.45
CA VAL A 47 -23.88 -11.50 12.25
C VAL A 47 -24.86 -10.39 12.65
N ASP A 48 -25.82 -10.74 13.51
CA ASP A 48 -26.88 -9.81 13.93
C ASP A 48 -26.31 -8.57 14.62
N GLU A 49 -25.38 -8.78 15.56
CA GLU A 49 -24.75 -7.69 16.27
C GLU A 49 -23.94 -6.78 15.32
N ALA A 50 -23.25 -7.37 14.38
CA ALA A 50 -22.44 -6.60 13.48
C ALA A 50 -23.32 -5.77 12.57
N ILE A 51 -24.39 -6.36 12.05
CA ILE A 51 -25.33 -5.60 11.21
C ILE A 51 -25.97 -4.45 11.99
N GLU A 52 -26.26 -4.66 13.28
CA GLU A 52 -26.94 -3.66 14.10
C GLU A 52 -25.94 -2.57 14.36
N TYR A 53 -24.73 -2.94 14.77
CA TYR A 53 -23.64 -1.99 14.94
C TYR A 53 -23.45 -1.09 13.71
N LEU A 54 -23.48 -1.65 12.51
CA LEU A 54 -23.23 -0.84 11.30
C LEU A 54 -24.43 0.03 10.99
N LYS A 55 -25.62 -0.53 11.14
CA LYS A 55 -26.84 0.23 10.84
C LYS A 55 -27.03 1.37 11.83
N ASN A 56 -26.61 1.19 13.08
CA ASN A 56 -26.65 2.29 14.06
C ASN A 56 -25.75 3.45 13.71
N LYS A 57 -24.65 3.19 13.01
CA LYS A 57 -23.82 4.27 12.49
C LYS A 57 -24.35 4.76 11.17
N GLY A 58 -25.57 4.42 10.76
CA GLY A 58 -26.09 4.90 9.47
C GLY A 58 -25.60 4.15 8.25
N LEU A 59 -24.88 3.05 8.40
CA LEU A 59 -24.33 2.31 7.23
C LEU A 59 -25.28 1.17 6.92
N THR A 60 -26.25 1.47 6.08
CA THR A 60 -27.35 0.59 5.88
C THR A 60 -27.23 -0.28 4.64
N LYS A 61 -26.30 -0.01 3.72
CA LYS A 61 -26.12 -0.90 2.55
C LYS A 61 -25.29 -2.17 2.86
N VAL A 62 -25.70 -2.88 3.90
CA VAL A 62 -25.01 -4.03 4.42
C VAL A 62 -26.04 -5.17 4.61
N ALA A 63 -25.62 -6.40 4.40
CA ALA A 63 -26.37 -7.57 4.73
C ALA A 63 -25.45 -8.65 5.22
N GLY A 64 -26.01 -9.61 5.90
CA GLY A 64 -25.24 -10.62 6.56
C GLY A 64 -25.84 -12.01 6.46
N ILE A 65 -24.97 -13.03 6.46
CA ILE A 65 -25.40 -14.39 6.33
C ILE A 65 -24.42 -15.24 7.12
N ALA A 66 -24.94 -16.12 7.97
CA ALA A 66 -24.14 -16.94 8.79
C ALA A 66 -23.77 -18.18 8.01
N GLY A 67 -22.53 -18.66 8.20
CA GLY A 67 -22.00 -19.74 7.42
C GLY A 67 -20.59 -20.08 7.86
N HIS A 68 -20.18 -21.32 7.64
N HIS A 68 -20.18 -21.32 7.64
CA HIS A 68 -18.79 -21.73 7.85
CA HIS A 68 -18.79 -21.72 7.84
C HIS A 68 -18.08 -21.48 6.53
C HIS A 68 -18.08 -21.48 6.53
N ILE A 69 -16.98 -20.72 6.54
CA ILE A 69 -16.35 -20.30 5.30
C ILE A 69 -15.67 -21.45 4.54
N ALA A 70 -15.28 -22.48 5.25
CA ALA A 70 -14.71 -23.65 4.60
C ALA A 70 -15.78 -24.69 4.16
N SER A 71 -17.06 -24.45 4.41
CA SER A 71 -18.12 -25.28 3.83
C SER A 71 -18.44 -24.88 2.42
N THR A 72 -18.37 -25.82 1.50
CA THR A 72 -18.69 -25.52 0.12
C THR A 72 -20.12 -25.13 -0.06
N ASP A 73 -20.99 -25.67 0.76
CA ASP A 73 -22.39 -25.31 0.74
C ASP A 73 -22.54 -23.85 1.18
N ASP A 74 -21.90 -23.48 2.27
CA ASP A 74 -22.00 -22.11 2.79
C ASP A 74 -21.31 -21.07 1.86
N GLN A 75 -20.22 -21.47 1.21
CA GLN A 75 -19.56 -20.60 0.24
C GLN A 75 -20.53 -20.22 -0.87
N LYS A 76 -21.19 -21.21 -1.44
CA LYS A 76 -22.17 -20.99 -2.48
C LYS A 76 -23.31 -20.13 -1.92
N LYS A 77 -23.73 -20.38 -0.70
CA LYS A 77 -24.80 -19.58 -0.11
C LYS A 77 -24.44 -18.11 0.06
N LEU A 78 -23.20 -17.87 0.45
CA LEU A 78 -22.68 -16.53 0.63
C LEU A 78 -22.63 -15.73 -0.69
N VAL A 79 -22.12 -16.36 -1.73
CA VAL A 79 -22.04 -15.75 -2.99
C VAL A 79 -23.46 -15.56 -3.55
N ASP A 80 -24.31 -16.58 -3.48
CA ASP A 80 -25.70 -16.41 -3.98
C ASP A 80 -26.50 -15.36 -3.22
N PHE A 81 -26.36 -15.30 -1.91
CA PHE A 81 -27.02 -14.28 -1.11
C PHE A 81 -26.55 -12.88 -1.57
N THR A 82 -25.26 -12.73 -1.85
CA THR A 82 -24.74 -11.44 -2.29
C THR A 82 -25.39 -11.04 -3.59
N LEU A 83 -25.46 -11.98 -4.52
CA LEU A 83 -26.08 -11.68 -5.80
C LEU A 83 -27.59 -11.39 -5.66
N GLN A 84 -28.29 -12.13 -4.80
CA GLN A 84 -29.69 -11.87 -4.51
C GLN A 84 -29.86 -10.47 -3.90
N LYS A 85 -29.03 -10.08 -2.91
CA LYS A 85 -29.21 -8.79 -2.25
C LYS A 85 -28.83 -7.61 -3.09
N PHE A 86 -27.75 -7.71 -3.87
CA PHE A 86 -27.15 -6.54 -4.47
C PHE A 86 -26.86 -6.66 -5.92
N GLY A 87 -27.09 -7.82 -6.51
CA GLY A 87 -27.15 -7.97 -7.94
C GLY A 87 -25.86 -8.22 -8.65
N LYS A 88 -24.73 -8.12 -7.95
CA LYS A 88 -23.42 -8.22 -8.59
C LYS A 88 -22.36 -8.30 -7.52
N ILE A 89 -21.13 -8.56 -7.95
CA ILE A 89 -20.01 -8.64 -7.02
C ILE A 89 -18.81 -7.98 -7.67
N ASN A 90 -18.21 -6.98 -7.01
CA ASN A 90 -17.02 -6.27 -7.52
C ASN A 90 -15.71 -6.64 -6.78
N ILE A 91 -15.85 -6.93 -5.51
CA ILE A 91 -14.75 -7.07 -4.61
C ILE A 91 -14.99 -8.27 -3.69
N LEU A 92 -13.95 -9.04 -3.46
CA LEU A 92 -13.97 -10.07 -2.43
C LEU A 92 -12.80 -9.82 -1.51
N VAL A 93 -13.06 -9.74 -0.22
CA VAL A 93 -12.04 -9.68 0.79
C VAL A 93 -12.04 -10.98 1.59
N ASN A 94 -11.04 -11.79 1.37
CA ASN A 94 -10.89 -13.06 2.04
C ASN A 94 -10.18 -12.76 3.32
N ASN A 95 -10.94 -12.44 4.35
CA ASN A 95 -10.40 -12.10 5.63
C ASN A 95 -10.27 -13.25 6.59
N HIS A 96 -10.96 -14.32 6.32
CA HIS A 96 -10.98 -15.46 7.25
C HIS A 96 -9.63 -16.12 7.50
N GLY A 97 -9.49 -16.63 8.68
CA GLY A 97 -8.34 -17.43 9.01
C GLY A 97 -8.45 -17.88 10.44
N ILE A 98 -8.03 -19.08 10.74
CA ILE A 98 -8.12 -19.62 12.09
C ILE A 98 -6.78 -19.96 12.58
N ASN A 99 -6.72 -20.08 13.90
CA ASN A 99 -5.50 -20.49 14.56
C ASN A 99 -5.78 -21.30 15.80
N PRO A 100 -6.15 -22.56 15.63
CA PRO A 100 -6.55 -23.36 16.79
C PRO A 100 -5.36 -23.86 17.60
N ALA A 101 -4.24 -24.15 16.95
CA ALA A 101 -3.13 -24.80 17.61
C ALA A 101 -2.28 -23.75 18.35
N PHE A 102 -1.68 -24.20 19.42
CA PHE A 102 -0.62 -23.46 20.04
C PHE A 102 0.37 -24.45 20.63
N GLY A 103 1.59 -24.44 20.14
CA GLY A 103 2.56 -25.39 20.59
C GLY A 103 3.69 -25.45 19.58
N HIS A 104 4.49 -26.50 19.70
CA HIS A 104 5.54 -26.76 18.76
C HIS A 104 5.01 -27.29 17.42
N ILE A 105 5.66 -26.93 16.33
CA ILE A 105 5.27 -27.41 15.03
C ILE A 105 5.29 -28.93 14.86
N LEU A 106 6.20 -29.59 15.51
CA LEU A 106 6.25 -31.04 15.55
C LEU A 106 5.07 -31.71 16.25
N GLU A 107 4.36 -30.96 17.05
CA GLU A 107 3.19 -31.44 17.74
C GLU A 107 1.90 -31.17 16.94
N VAL A 108 1.99 -30.62 15.76
CA VAL A 108 0.82 -30.39 14.97
C VAL A 108 0.52 -31.69 14.26
N SER A 109 -0.68 -32.24 14.53
CA SER A 109 -1.12 -33.48 13.87
C SER A 109 -1.34 -33.27 12.39
N ASP A 110 -1.32 -34.34 11.62
CA ASP A 110 -1.67 -34.28 10.20
C ASP A 110 -3.04 -33.72 9.97
N GLN A 111 -3.94 -34.07 10.86
CA GLN A 111 -5.30 -33.56 10.77
C GLN A 111 -5.38 -32.05 11.01
N VAL A 112 -4.75 -31.56 12.06
CA VAL A 112 -4.71 -30.15 12.35
C VAL A 112 -4.01 -29.39 11.22
N TRP A 113 -2.93 -29.96 10.70
CA TRP A 113 -2.30 -29.40 9.54
C TRP A 113 -3.25 -29.19 8.38
N ASP A 114 -3.96 -30.24 8.00
CA ASP A 114 -4.88 -30.15 6.90
C ASP A 114 -5.96 -29.16 7.17
N LYS A 115 -6.44 -29.08 8.40
CA LYS A 115 -7.51 -28.16 8.75
C LYS A 115 -7.08 -26.71 8.57
N LEU A 116 -5.85 -26.41 9.03
CA LEU A 116 -5.22 -25.11 8.88
C LEU A 116 -5.23 -24.69 7.44
N PHE A 117 -4.76 -25.57 6.57
CA PHE A 117 -4.76 -25.22 5.13
C PHE A 117 -6.15 -25.13 4.53
N GLU A 118 -7.04 -26.00 4.99
CA GLU A 118 -8.41 -26.02 4.50
C GLU A 118 -9.07 -24.67 4.72
N VAL A 119 -8.97 -24.15 5.93
CA VAL A 119 -9.68 -22.92 6.26
C VAL A 119 -8.88 -21.70 5.78
N ASN A 120 -7.57 -21.72 6.04
CA ASN A 120 -6.75 -20.53 5.81
C ASN A 120 -6.38 -20.29 4.39
N VAL A 121 -6.34 -21.35 3.59
CA VAL A 121 -5.89 -21.24 2.23
C VAL A 121 -6.95 -21.67 1.23
N LYS A 122 -7.34 -22.93 1.35
CA LYS A 122 -8.23 -23.51 0.39
C LYS A 122 -9.57 -22.73 0.28
N ALA A 123 -10.10 -22.32 1.41
CA ALA A 123 -11.36 -21.63 1.39
C ALA A 123 -11.28 -20.33 0.59
N GLY A 124 -10.13 -19.65 0.65
CA GLY A 124 -9.98 -18.41 -0.13
C GLY A 124 -9.85 -18.69 -1.62
N PHE A 125 -9.21 -19.80 -1.98
CA PHE A 125 -9.15 -20.26 -3.37
C PHE A 125 -10.55 -20.58 -3.87
N GLN A 126 -11.32 -21.31 -3.08
CA GLN A 126 -12.70 -21.67 -3.41
C GLN A 126 -13.59 -20.44 -3.57
N MET A 127 -13.50 -19.50 -2.63
CA MET A 127 -14.29 -18.26 -2.72
C MET A 127 -13.92 -17.50 -3.96
N THR A 128 -12.63 -17.53 -4.32
CA THR A 128 -12.14 -16.85 -5.49
C THR A 128 -12.72 -17.48 -6.74
N LYS A 129 -12.73 -18.81 -6.85
CA LYS A 129 -13.38 -19.47 -7.97
C LYS A 129 -14.86 -19.14 -8.07
N LEU A 130 -15.57 -19.03 -6.96
CA LEU A 130 -16.98 -18.71 -7.03
C LEU A 130 -17.25 -17.28 -7.44
N VAL A 131 -16.51 -16.31 -6.91
CA VAL A 131 -16.79 -14.91 -7.24
C VAL A 131 -16.24 -14.55 -8.59
N HIS A 132 -15.23 -15.28 -9.06
CA HIS A 132 -14.57 -14.91 -10.27
C HIS A 132 -15.45 -14.50 -11.47
N PRO A 133 -16.37 -15.37 -11.92
CA PRO A 133 -17.16 -14.98 -13.10
C PRO A 133 -18.02 -13.76 -12.85
N HIS A 134 -18.44 -13.56 -11.61
CA HIS A 134 -19.27 -12.40 -11.31
C HIS A 134 -18.47 -11.08 -11.33
N ILE A 135 -17.26 -11.13 -10.77
CA ILE A 135 -16.40 -9.97 -10.81
C ILE A 135 -16.00 -9.69 -12.26
N ALA A 136 -15.57 -10.71 -12.99
CA ALA A 136 -15.17 -10.51 -14.37
C ALA A 136 -16.29 -9.85 -15.20
N LYS A 137 -17.53 -10.22 -14.93
CA LYS A 137 -18.69 -9.69 -15.66
C LYS A 137 -18.83 -8.19 -15.41
N GLU A 138 -18.37 -7.67 -14.27
CA GLU A 138 -18.38 -6.22 -14.04
C GLU A 138 -17.22 -5.50 -14.69
N GLY A 139 -16.41 -6.20 -15.47
CA GLY A 139 -15.25 -5.65 -16.16
C GLY A 139 -13.99 -5.71 -15.30
N GLY A 140 -14.05 -6.35 -14.15
CA GLY A 140 -12.91 -6.37 -13.25
C GLY A 140 -13.30 -5.92 -11.87
N GLY A 141 -12.28 -5.91 -11.00
CA GLY A 141 -12.49 -5.60 -9.61
C GLY A 141 -11.26 -6.03 -8.84
N ALA A 142 -11.48 -6.43 -7.61
CA ALA A 142 -10.40 -6.71 -6.73
C ALA A 142 -10.69 -7.85 -5.78
N ILE A 143 -9.63 -8.56 -5.43
CA ILE A 143 -9.67 -9.58 -4.39
C ILE A 143 -8.51 -9.29 -3.48
N ILE A 144 -8.78 -9.28 -2.20
CA ILE A 144 -7.77 -9.03 -1.19
C ILE A 144 -7.70 -10.22 -0.24
N PHE A 145 -6.50 -10.65 0.09
CA PHE A 145 -6.30 -11.67 1.11
C PHE A 145 -5.70 -11.08 2.34
N ASN A 146 -6.23 -11.44 3.50
CA ASN A 146 -5.60 -11.14 4.75
C ASN A 146 -4.71 -12.30 5.16
N ALA A 147 -3.44 -12.14 4.95
CA ALA A 147 -2.42 -13.12 5.33
C ALA A 147 -1.95 -12.79 6.75
N SER A 148 -0.67 -12.54 6.94
CA SER A 148 -0.11 -12.18 8.23
C SER A 148 1.38 -11.89 8.05
N TYR A 149 1.87 -11.01 8.89
CA TYR A 149 3.31 -10.78 9.02
C TYR A 149 4.06 -12.11 9.31
N SER A 150 3.36 -13.02 9.95
CA SER A 150 3.95 -14.28 10.30
C SER A 150 4.10 -15.23 9.04
N ALA A 151 3.57 -14.79 7.87
CA ALA A 151 3.94 -15.35 6.56
C ALA A 151 5.46 -15.24 6.30
N TYR A 152 6.03 -14.15 6.84
CA TYR A 152 7.39 -13.74 6.56
C TYR A 152 8.31 -14.07 7.72
N LYS A 153 7.87 -13.81 8.94
CA LYS A 153 8.68 -14.16 10.09
C LYS A 153 7.95 -15.30 10.83
N SER A 154 8.51 -16.50 10.77
CA SER A 154 7.88 -17.67 11.33
C SER A 154 7.82 -17.45 12.86
N PRO A 155 6.61 -17.42 13.43
CA PRO A 155 6.50 -17.20 14.86
C PRO A 155 6.65 -18.50 15.67
N PRO A 156 7.07 -18.40 16.95
CA PRO A 156 6.94 -19.54 17.88
C PRO A 156 5.45 -19.82 18.21
N GLY A 157 5.14 -21.05 18.63
CA GLY A 157 3.78 -21.46 19.02
C GLY A 157 2.69 -21.62 17.94
N ILE A 158 2.71 -20.80 16.88
CA ILE A 158 1.69 -20.81 15.82
C ILE A 158 2.35 -20.90 14.46
N ALA A 159 3.45 -21.63 14.41
CA ALA A 159 4.26 -21.79 13.22
C ALA A 159 3.48 -22.46 12.03
N ALA A 160 2.62 -23.44 12.31
CA ALA A 160 1.86 -24.11 11.24
C ALA A 160 0.88 -23.09 10.63
N TYR A 161 0.22 -22.33 11.49
CA TYR A 161 -0.57 -21.20 11.07
C TYR A 161 0.24 -20.28 10.14
N GLY A 162 1.44 -19.93 10.59
CA GLY A 162 2.34 -19.06 9.83
C GLY A 162 2.63 -19.54 8.42
N VAL A 163 2.87 -20.85 8.31
CA VAL A 163 3.08 -21.48 7.05
C VAL A 163 1.87 -21.28 6.12
N THR A 164 0.64 -21.37 6.66
CA THR A 164 -0.55 -21.14 5.86
C THR A 164 -0.54 -19.74 5.33
N LYS A 165 0.00 -18.82 6.11
CA LYS A 165 -0.01 -17.45 5.69
C LYS A 165 1.04 -17.15 4.63
N THR A 166 2.19 -17.82 4.74
CA THR A 166 3.18 -17.85 3.63
C THR A 166 2.53 -18.31 2.35
N THR A 167 1.76 -19.39 2.46
CA THR A 167 1.04 -19.94 1.32
C THR A 167 0.15 -18.87 0.67
N LEU A 168 -0.47 -18.04 1.50
CA LEU A 168 -1.36 -16.98 0.99
C LEU A 168 -0.66 -15.88 0.20
N VAL A 169 0.59 -15.65 0.54
CA VAL A 169 1.45 -14.80 -0.25
C VAL A 169 1.57 -15.34 -1.66
N GLY A 170 1.85 -16.64 -1.76
CA GLY A 170 1.96 -17.30 -3.05
C GLY A 170 0.60 -17.37 -3.74
N LEU A 171 -0.45 -17.63 -3.00
CA LEU A 171 -1.78 -17.71 -3.62
C LEU A 171 -2.19 -16.34 -4.13
N THR A 172 -1.88 -15.29 -3.37
CA THR A 172 -2.20 -13.93 -3.80
C THR A 172 -1.52 -13.63 -5.08
N ARG A 173 -0.28 -14.03 -5.18
CA ARG A 173 0.46 -13.79 -6.39
C ARG A 173 -0.05 -14.60 -7.58
N ALA A 174 -0.26 -15.90 -7.36
CA ALA A 174 -0.73 -16.79 -8.42
C ALA A 174 -2.09 -16.31 -8.97
N LEU A 175 -3.01 -15.93 -8.08
CA LEU A 175 -4.29 -15.42 -8.52
C LEU A 175 -4.13 -14.10 -9.25
N ALA A 176 -3.19 -13.25 -8.81
CA ALA A 176 -2.92 -12.01 -9.48
C ALA A 176 -2.48 -12.23 -10.91
N MET A 177 -1.55 -13.16 -11.09
CA MET A 177 -1.06 -13.41 -12.46
C MET A 177 -2.17 -13.98 -13.33
N GLY A 178 -3.02 -14.81 -12.74
CA GLY A 178 -4.00 -15.56 -13.47
C GLY A 178 -5.24 -14.76 -13.76
N LEU A 179 -5.59 -13.77 -12.93
CA LEU A 179 -6.82 -13.04 -13.10
C LEU A 179 -6.64 -11.64 -13.69
N ALA A 180 -5.39 -11.27 -13.94
CA ALA A 180 -5.07 -10.05 -14.64
C ALA A 180 -5.79 -9.98 -15.98
N LYS A 181 -5.90 -11.08 -16.69
CA LYS A 181 -6.62 -11.05 -17.96
C LYS A 181 -8.08 -10.56 -17.81
N ASP A 182 -8.67 -10.66 -16.62
CA ASP A 182 -10.03 -10.18 -16.36
C ASP A 182 -10.08 -8.83 -15.65
N ASN A 183 -8.91 -8.18 -15.58
CA ASN A 183 -8.73 -6.96 -14.87
C ASN A 183 -9.17 -7.07 -13.42
N ILE A 184 -8.84 -8.24 -12.84
CA ILE A 184 -9.09 -8.46 -11.42
C ILE A 184 -7.74 -8.39 -10.75
N ARG A 185 -7.57 -7.43 -9.88
CA ARG A 185 -6.31 -7.25 -9.17
C ARG A 185 -6.39 -8.01 -7.85
N VAL A 186 -5.34 -8.71 -7.49
CA VAL A 186 -5.36 -9.53 -6.31
C VAL A 186 -4.15 -9.13 -5.47
N ASN A 187 -4.40 -8.65 -4.27
CA ASN A 187 -3.36 -8.21 -3.37
C ASN A 187 -3.64 -8.68 -1.97
N GLY A 188 -2.71 -8.50 -1.06
CA GLY A 188 -2.95 -8.87 0.28
C GLY A 188 -2.39 -7.94 1.32
N ILE A 189 -2.80 -8.15 2.56
CA ILE A 189 -2.23 -7.47 3.68
C ILE A 189 -1.63 -8.52 4.57
N ALA A 190 -0.57 -8.15 5.29
CA ALA A 190 0.13 -9.06 6.16
C ALA A 190 0.27 -8.37 7.52
N PRO A 191 -0.83 -8.37 8.31
CA PRO A 191 -0.79 -7.62 9.56
C PRO A 191 0.14 -8.22 10.60
N GLY A 192 0.72 -7.33 11.42
CA GLY A 192 1.37 -7.72 12.66
C GLY A 192 0.36 -8.08 13.76
N VAL A 193 0.78 -7.95 15.00
CA VAL A 193 -0.12 -8.15 16.13
C VAL A 193 -1.17 -7.04 16.18
N ILE A 194 -2.40 -7.43 15.86
CA ILE A 194 -3.59 -6.59 15.95
C ILE A 194 -4.41 -7.03 17.17
N LYS A 195 -4.84 -6.09 17.99
CA LYS A 195 -5.69 -6.37 19.17
C LYS A 195 -7.13 -6.75 18.73
N THR A 196 -7.39 -8.04 18.81
CA THR A 196 -8.65 -8.69 18.41
C THR A 196 -8.78 -9.88 19.34
N LYS A 197 -9.92 -10.57 19.26
CA LYS A 197 -10.14 -11.80 20.02
C LYS A 197 -9.06 -12.82 19.71
N MET A 198 -8.69 -12.99 18.45
CA MET A 198 -7.64 -13.96 18.04
C MET A 198 -6.28 -13.79 18.76
N SER A 199 -5.80 -12.56 18.85
CA SER A 199 -4.51 -12.31 19.46
C SER A 199 -4.56 -12.02 21.01
N GLN A 200 -5.77 -12.00 21.58
CA GLN A 200 -6.05 -11.65 22.98
C GLN A 200 -5.13 -12.26 24.03
N VAL A 201 -4.84 -13.55 23.92
CA VAL A 201 -3.92 -14.22 24.87
C VAL A 201 -2.52 -13.60 24.98
N LEU A 202 -2.04 -13.01 23.90
CA LEU A 202 -0.76 -12.32 23.92
C LEU A 202 -0.77 -10.96 24.64
N TRP A 203 -1.87 -10.21 24.63
CA TRP A 203 -1.82 -8.79 25.06
C TRP A 203 -2.77 -8.39 26.21
N ASP A 204 -3.48 -9.33 26.82
CA ASP A 204 -4.53 -8.99 27.80
C ASP A 204 -4.12 -9.18 29.29
N GLY A 205 -2.85 -8.84 29.60
CA GLY A 205 -2.32 -8.75 30.97
C GLY A 205 -1.94 -7.33 31.40
N GLY A 206 -2.70 -6.34 30.93
CA GLY A 206 -2.52 -4.95 31.28
C GLY A 206 -1.72 -4.16 30.25
N GLU A 207 -1.69 -2.84 30.45
CA GLU A 207 -0.71 -1.95 29.87
C GLU A 207 0.65 -2.29 30.55
N ASP A 208 1.49 -2.96 29.79
CA ASP A 208 2.86 -3.41 30.15
C ASP A 208 3.06 -4.85 29.73
N ALA A 209 2.02 -5.67 29.75
CA ALA A 209 2.01 -6.91 28.98
C ALA A 209 1.98 -6.56 27.47
N GLU A 210 1.23 -5.50 27.12
CA GLU A 210 1.23 -4.90 25.75
C GLU A 210 2.55 -4.24 25.35
N LYS A 211 3.14 -3.48 26.29
CA LYS A 211 4.47 -2.86 26.10
C LYS A 211 5.60 -3.91 26.01
N GLU A 212 5.51 -4.98 26.81
CA GLU A 212 6.47 -6.11 26.72
C GLU A 212 6.35 -6.85 25.41
N LEU A 213 5.11 -7.03 24.92
CA LEU A 213 4.91 -7.61 23.59
C LEU A 213 5.50 -6.71 22.46
N THR A 214 5.22 -5.41 22.54
CA THR A 214 5.77 -4.43 21.61
C THR A 214 7.29 -4.60 21.62
N ASP A 215 7.74 -4.95 22.81
CA ASP A 215 9.10 -5.34 22.99
C ASP A 215 8.94 -6.85 23.06
N ILE A 216 9.67 -7.44 22.18
CA ILE A 216 9.82 -8.88 21.86
C ILE A 216 9.52 -8.92 20.35
N GLN A 217 8.44 -8.26 19.98
CA GLN A 217 8.01 -8.18 18.59
C GLN A 217 8.89 -7.19 17.80
N GLU A 218 9.56 -6.27 18.53
CA GLU A 218 10.48 -5.28 17.94
C GLU A 218 9.69 -4.31 17.03
N ILE A 219 8.61 -3.75 17.57
CA ILE A 219 7.71 -2.94 16.78
C ILE A 219 8.22 -1.49 16.82
N ALA A 220 8.75 -1.01 15.69
CA ALA A 220 9.39 0.30 15.62
C ALA A 220 8.46 1.35 16.22
N LEU A 221 7.20 1.32 15.82
CA LEU A 221 6.28 2.32 16.28
C LEU A 221 5.74 2.14 17.70
N GLY A 222 6.19 1.13 18.43
CA GLY A 222 6.01 1.09 19.87
C GLY A 222 4.59 0.86 20.40
N ARG A 223 3.75 0.24 19.58
CA ARG A 223 2.37 -0.09 19.96
CA ARG A 223 2.37 -0.09 19.96
C ARG A 223 1.87 -1.24 19.11
N LEU A 224 0.80 -1.85 19.60
CA LEU A 224 0.10 -2.92 18.90
C LEU A 224 -0.90 -2.28 17.96
N GLY A 225 -1.23 -3.01 16.91
CA GLY A 225 -2.21 -2.55 15.95
C GLY A 225 -3.62 -2.67 16.50
N VAL A 226 -4.55 -2.03 15.81
CA VAL A 226 -5.97 -2.24 16.07
C VAL A 226 -6.62 -2.55 14.74
N PRO A 227 -7.83 -3.13 14.73
CA PRO A 227 -8.46 -3.50 13.48
C PRO A 227 -8.52 -2.39 12.45
N ASP A 228 -8.79 -1.17 12.88
CA ASP A 228 -8.88 -0.08 11.98
C ASP A 228 -7.56 0.15 11.21
N ASP A 229 -6.42 -0.21 11.82
CA ASP A 229 -5.14 -0.09 11.11
C ASP A 229 -5.05 -0.88 9.82
N CYS A 230 -5.93 -1.87 9.61
CA CYS A 230 -5.91 -2.63 8.42
C CYS A 230 -6.82 -2.03 7.34
N ALA A 231 -7.81 -1.24 7.74
CA ALA A 231 -8.93 -1.01 6.85
C ALA A 231 -8.61 -0.06 5.71
N GLY A 232 -7.79 0.95 6.01
CA GLY A 232 -7.41 1.94 5.05
C GLY A 232 -6.58 1.31 3.95
N THR A 233 -5.80 0.30 4.31
CA THR A 233 -5.01 -0.40 3.30
C THR A 233 -5.92 -1.23 2.38
N VAL A 234 -6.88 -1.95 2.97
CA VAL A 234 -7.83 -2.76 2.19
C VAL A 234 -8.61 -1.89 1.23
N ALA A 235 -9.07 -0.76 1.70
CA ALA A 235 -9.79 0.19 0.87
C ALA A 235 -8.94 0.69 -0.27
N TYR A 236 -7.71 1.06 0.05
CA TYR A 236 -6.75 1.45 -0.95
C TYR A 236 -6.55 0.35 -1.99
N LEU A 237 -6.31 -0.89 -1.51
CA LEU A 237 -6.07 -1.98 -2.45
C LEU A 237 -7.29 -2.35 -3.31
N ALA A 238 -8.48 -2.11 -2.82
CA ALA A 238 -9.65 -2.48 -3.58
C ALA A 238 -10.14 -1.34 -4.45
N SER A 239 -9.53 -0.16 -4.35
CA SER A 239 -9.97 1.05 -5.12
C SER A 239 -9.08 1.29 -6.30
N ASP A 240 -9.48 2.23 -7.13
CA ASP A 240 -8.67 2.71 -8.25
C ASP A 240 -7.38 3.41 -7.88
N ASP A 241 -7.18 3.77 -6.62
CA ASP A 241 -5.93 4.33 -6.14
C ASP A 241 -4.77 3.36 -6.27
N SER A 242 -5.07 2.07 -6.54
CA SER A 242 -4.07 1.01 -6.70
C SER A 242 -4.26 0.24 -8.00
N SER A 243 -4.79 0.92 -9.02
CA SER A 243 -5.20 0.29 -10.23
C SER A 243 -4.04 -0.31 -11.02
N TYR A 244 -2.80 0.06 -10.71
CA TYR A 244 -1.65 -0.50 -11.35
C TYR A 244 -0.88 -1.46 -10.41
N ILE A 245 -1.51 -1.97 -9.38
CA ILE A 245 -0.86 -2.80 -8.38
C ILE A 245 -1.61 -4.11 -8.28
N THR A 246 -0.92 -5.19 -8.59
CA THR A 246 -1.47 -6.50 -8.42
C THR A 246 -0.36 -7.46 -8.00
N GLY A 247 -0.71 -8.42 -7.16
CA GLY A 247 0.23 -9.42 -6.69
C GLY A 247 1.07 -9.02 -5.52
N GLU A 248 0.74 -7.92 -4.89
CA GLU A 248 1.48 -7.46 -3.75
C GLU A 248 0.88 -7.68 -2.38
N MET A 249 1.77 -7.83 -1.43
CA MET A 249 1.48 -7.91 -0.05
C MET A 249 1.99 -6.64 0.66
N ILE A 250 1.15 -6.05 1.52
CA ILE A 250 1.54 -4.92 2.30
C ILE A 250 1.57 -5.34 3.74
N ILE A 251 2.73 -5.26 4.37
CA ILE A 251 2.91 -5.58 5.77
C ILE A 251 2.42 -4.42 6.62
N ILE A 252 1.61 -4.72 7.62
CA ILE A 252 0.93 -3.67 8.42
C ILE A 252 1.27 -4.02 9.84
N ALA A 253 2.52 -3.75 10.24
CA ALA A 253 3.03 -4.28 11.47
C ALA A 253 3.79 -3.27 12.27
N GLY A 254 3.57 -1.98 12.05
CA GLY A 254 4.23 -0.98 12.87
C GLY A 254 5.76 -0.89 12.71
N GLY A 255 6.27 -1.42 11.60
CA GLY A 255 7.72 -1.38 11.31
C GLY A 255 8.53 -2.63 11.59
N VAL A 256 7.87 -3.77 11.80
CA VAL A 256 8.61 -5.01 12.05
C VAL A 256 9.19 -5.39 10.71
N GLN A 257 10.46 -5.78 10.73
CA GLN A 257 11.29 -6.13 9.56
C GLN A 257 11.30 -7.63 9.18
N ALA A 258 10.77 -7.98 8.02
CA ALA A 258 10.80 -9.41 7.63
C ALA A 258 11.01 -9.68 6.17
N ARG A 259 11.00 -8.65 5.33
CA ARG A 259 11.59 -8.72 4.01
C ARG A 259 11.98 -7.33 3.53
N LEU A 260 12.73 -7.28 2.43
CA LEU A 260 13.05 -6.04 1.77
C LEU A 260 12.08 -5.73 0.62
N MET B 1 -10.33 8.33 -11.67
CA MET B 1 -11.39 8.78 -10.70
C MET B 1 -10.84 9.74 -9.61
N PRO B 2 -11.19 11.05 -9.70
CA PRO B 2 -11.03 11.90 -8.52
C PRO B 2 -11.81 11.31 -7.34
N SER B 3 -11.09 11.05 -6.25
CA SER B 3 -11.55 10.13 -5.21
C SER B 3 -12.46 10.77 -4.17
N ASN B 4 -12.49 12.12 -4.13
CA ASN B 4 -13.12 12.87 -3.03
C ASN B 4 -12.35 12.75 -1.72
N CYS B 5 -11.27 11.95 -1.67
CA CYS B 5 -10.41 11.90 -0.51
C CYS B 5 -9.92 13.29 -0.16
N ARG B 6 -9.92 13.60 1.12
CA ARG B 6 -9.45 14.86 1.63
C ARG B 6 -8.74 14.54 2.92
N ARG B 7 -7.66 13.84 2.83
CA ARG B 7 -6.96 13.40 4.01
C ARG B 7 -5.85 14.37 4.46
N PHE B 8 -5.64 15.48 3.75
CA PHE B 8 -4.45 16.30 3.98
C PHE B 8 -4.74 17.76 4.31
N GLU B 9 -5.94 18.05 4.77
CA GLU B 9 -6.28 19.40 5.15
C GLU B 9 -5.42 19.84 6.31
N GLY B 10 -4.79 21.01 6.15
CA GLY B 10 -3.92 21.57 7.18
C GLY B 10 -2.53 20.96 7.20
N LYS B 11 -2.18 20.12 6.22
CA LYS B 11 -0.85 19.53 6.16
C LYS B 11 -0.05 20.20 5.08
N VAL B 12 1.27 20.20 5.30
CA VAL B 12 2.17 20.80 4.32
C VAL B 12 3.09 19.70 3.82
N ALA B 13 3.20 19.58 2.51
CA ALA B 13 4.16 18.67 1.93
C ALA B 13 5.15 19.34 1.05
N ILE B 14 6.38 18.81 1.06
CA ILE B 14 7.38 19.12 0.04
C ILE B 14 7.46 17.91 -0.90
N VAL B 15 7.37 18.15 -2.18
CA VAL B 15 7.56 17.11 -3.16
C VAL B 15 8.69 17.56 -4.05
N THR B 16 9.76 16.78 -4.04
CA THR B 16 10.93 17.15 -4.81
C THR B 16 10.76 16.73 -6.27
N ALA B 17 11.48 17.41 -7.12
CA ALA B 17 11.56 17.10 -8.55
C ALA B 17 10.18 16.91 -9.14
N ALA B 18 9.31 17.88 -8.83
CA ALA B 18 7.88 17.73 -8.98
C ALA B 18 7.20 18.68 -9.95
N THR B 19 7.90 19.00 -11.03
CA THR B 19 7.33 19.86 -12.04
C THR B 19 6.90 19.11 -13.27
N LYS B 20 7.20 17.81 -13.35
CA LYS B 20 6.78 16.93 -14.46
C LYS B 20 6.52 15.54 -13.89
N GLY B 21 5.85 14.69 -14.68
CA GLY B 21 5.72 13.29 -14.41
C GLY B 21 5.20 12.93 -13.04
N ILE B 22 5.84 11.94 -12.43
CA ILE B 22 5.32 11.29 -11.22
C ILE B 22 5.21 12.33 -10.10
N GLY B 23 6.23 13.15 -9.96
CA GLY B 23 6.26 14.16 -8.92
C GLY B 23 5.14 15.16 -9.04
N LEU B 24 4.85 15.57 -10.24
CA LEU B 24 3.77 16.54 -10.40
C LEU B 24 2.42 15.90 -10.09
N ALA B 25 2.25 14.65 -10.50
CA ALA B 25 1.00 13.93 -10.17
C ALA B 25 0.90 13.77 -8.66
N ILE B 26 2.00 13.45 -7.96
CA ILE B 26 1.97 13.34 -6.54
C ILE B 26 1.52 14.67 -5.90
N ALA B 27 2.07 15.77 -6.37
CA ALA B 27 1.77 17.10 -5.84
C ALA B 27 0.31 17.44 -6.08
N GLU B 28 -0.13 17.21 -7.30
CA GLU B 28 -1.53 17.48 -7.66
C GLU B 28 -2.50 16.73 -6.75
N ARG B 29 -2.21 15.47 -6.47
CA ARG B 29 -3.09 14.65 -5.65
C ARG B 29 -3.11 15.15 -4.20
N LEU B 30 -1.94 15.44 -3.67
CA LEU B 30 -1.89 16.00 -2.33
C LEU B 30 -2.67 17.30 -2.26
N LEU B 31 -2.50 18.17 -3.25
CA LEU B 31 -3.30 19.38 -3.36
C LEU B 31 -4.83 19.12 -3.45
N ASP B 32 -5.26 18.17 -4.28
CA ASP B 32 -6.69 17.76 -4.36
C ASP B 32 -7.19 17.34 -3.01
N GLU B 33 -6.39 16.70 -2.19
CA GLU B 33 -6.79 16.28 -0.85
C GLU B 33 -6.62 17.30 0.27
N GLY B 34 -6.29 18.55 -0.12
CA GLY B 34 -6.28 19.71 0.78
C GLY B 34 -4.96 20.14 1.36
N ALA B 35 -3.88 19.52 0.94
CA ALA B 35 -2.56 19.90 1.43
C ALA B 35 -2.15 21.23 0.84
N SER B 36 -1.23 21.86 1.55
CA SER B 36 -0.37 22.88 0.95
C SER B 36 0.91 22.14 0.54
N VAL B 37 1.40 22.48 -0.64
CA VAL B 37 2.50 21.77 -1.24
C VAL B 37 3.54 22.72 -1.80
N VAL B 38 4.81 22.40 -1.56
CA VAL B 38 5.91 23.07 -2.22
C VAL B 38 6.49 22.08 -3.18
N ILE B 39 6.61 22.51 -4.43
CA ILE B 39 7.36 21.78 -5.43
C ILE B 39 8.66 22.46 -5.79
N GLY B 40 9.58 21.68 -6.34
CA GLY B 40 10.79 22.23 -6.87
C GLY B 40 11.33 21.44 -8.00
N SER B 41 12.08 22.07 -8.88
CA SER B 41 12.91 21.37 -9.84
C SER B 41 14.00 22.34 -10.29
N ARG B 42 14.94 21.88 -11.11
CA ARG B 42 16.05 22.73 -11.52
C ARG B 42 15.63 24.00 -12.26
N ASN B 43 14.66 23.90 -13.14
CA ASN B 43 14.49 24.92 -14.13
C ASN B 43 13.29 25.79 -13.77
N GLN B 44 13.52 27.09 -13.54
CA GLN B 44 12.45 28.03 -13.19
C GLN B 44 11.21 28.02 -14.14
N LYS B 45 11.45 27.87 -15.43
CA LYS B 45 10.39 27.75 -16.41
C LYS B 45 9.48 26.53 -16.12
N ASN B 46 10.09 25.38 -15.78
CA ASN B 46 9.31 24.19 -15.40
C ASN B 46 8.56 24.47 -14.12
N VAL B 47 9.18 25.13 -13.15
CA VAL B 47 8.48 25.49 -11.93
C VAL B 47 7.25 26.32 -12.28
N ASP B 48 7.47 27.35 -13.11
CA ASP B 48 6.40 28.30 -13.49
C ASP B 48 5.23 27.59 -14.18
N GLU B 49 5.53 26.73 -15.13
CA GLU B 49 4.51 25.96 -15.84
C GLU B 49 3.73 25.03 -14.92
N ALA B 50 4.41 24.39 -14.01
CA ALA B 50 3.75 23.48 -13.09
C ALA B 50 2.84 24.25 -12.15
N ILE B 51 3.31 25.37 -11.63
CA ILE B 51 2.47 26.19 -10.75
C ILE B 51 1.24 26.73 -11.52
N GLU B 52 1.41 27.07 -12.79
CA GLU B 52 0.32 27.63 -13.59
C GLU B 52 -0.68 26.53 -13.85
N TYR B 53 -0.18 25.39 -14.29
CA TYR B 53 -1.00 24.21 -14.48
C TYR B 53 -1.85 23.89 -13.23
N LEU B 54 -1.27 23.91 -12.03
CA LEU B 54 -1.99 23.56 -10.82
C LEU B 54 -3.01 24.65 -10.45
N LYS B 55 -2.60 25.90 -10.59
CA LYS B 55 -3.50 26.99 -10.24
C LYS B 55 -4.65 27.09 -11.20
N ASN B 56 -4.45 26.73 -12.45
CA ASN B 56 -5.56 26.68 -13.44
C ASN B 56 -6.59 25.62 -13.10
N LYS B 57 -6.19 24.55 -12.44
CA LYS B 57 -7.16 23.59 -11.92
C LYS B 57 -7.72 24.04 -10.58
N GLY B 58 -7.51 25.27 -10.13
CA GLY B 58 -8.01 25.70 -8.84
C GLY B 58 -7.19 25.23 -7.63
N LEU B 59 -6.01 24.65 -7.83
CA LEU B 59 -5.19 24.16 -6.68
C LEU B 59 -4.17 25.25 -6.36
N THR B 60 -4.56 26.14 -5.49
CA THR B 60 -3.84 27.33 -5.26
C THR B 60 -2.91 27.26 -4.05
N LYS B 61 -3.03 26.27 -3.16
CA LYS B 61 -2.14 26.13 -2.02
C LYS B 61 -0.79 25.50 -2.36
N VAL B 62 -0.17 26.02 -3.42
CA VAL B 62 1.05 25.50 -3.95
C VAL B 62 2.08 26.67 -4.12
N ALA B 63 3.35 26.37 -3.93
CA ALA B 63 4.40 27.28 -4.25
C ALA B 63 5.58 26.50 -4.78
N GLY B 64 6.45 27.20 -5.48
CA GLY B 64 7.56 26.57 -6.16
C GLY B 64 8.85 27.32 -6.06
N ILE B 65 9.95 26.58 -6.10
CA ILE B 65 11.26 27.18 -5.99
C ILE B 65 12.20 26.35 -6.84
N ALA B 66 12.97 27.02 -7.70
CA ALA B 66 13.90 26.32 -8.58
C ALA B 66 15.18 26.07 -7.82
N GLY B 67 15.77 24.89 -8.05
CA GLY B 67 16.96 24.47 -7.35
C GLY B 67 17.42 23.11 -7.79
N HIS B 68 18.69 22.83 -7.60
CA HIS B 68 19.23 21.49 -7.85
C HIS B 68 19.11 20.71 -6.56
N ILE B 69 18.50 19.52 -6.61
CA ILE B 69 18.17 18.80 -5.38
C ILE B 69 19.39 18.27 -4.64
N ALA B 70 20.48 18.05 -5.37
CA ALA B 70 21.70 17.61 -4.74
C ALA B 70 22.62 18.78 -4.31
N SER B 71 22.20 20.01 -4.50
CA SER B 71 22.93 21.16 -3.91
C SER B 71 22.53 21.40 -2.50
N THR B 72 23.51 21.41 -1.60
CA THR B 72 23.20 21.68 -0.19
C THR B 72 22.64 23.05 0.02
N ASP B 73 23.10 24.04 -0.74
CA ASP B 73 22.49 25.37 -0.68
C ASP B 73 21.04 25.33 -1.11
N ASP B 74 20.74 24.63 -2.22
CA ASP B 74 19.35 24.60 -2.74
C ASP B 74 18.42 23.79 -1.81
N GLN B 75 18.95 22.73 -1.20
CA GLN B 75 18.19 21.94 -0.21
C GLN B 75 17.71 22.83 0.92
N LYS B 76 18.63 23.58 1.50
CA LYS B 76 18.33 24.49 2.58
C LYS B 76 17.36 25.54 2.09
N LYS B 77 17.51 26.02 0.86
CA LYS B 77 16.58 27.04 0.35
C LYS B 77 15.17 26.50 0.21
N LEU B 78 15.07 25.24 -0.24
CA LEU B 78 13.78 24.58 -0.42
C LEU B 78 13.03 24.39 0.90
N VAL B 79 13.75 23.94 1.92
CA VAL B 79 13.16 23.75 3.20
C VAL B 79 12.83 25.11 3.81
N ASP B 80 13.74 26.08 3.77
CA ASP B 80 13.42 27.43 4.31
C ASP B 80 12.29 28.12 3.59
N PHE B 81 12.22 28.01 2.28
CA PHE B 81 11.08 28.56 1.51
C PHE B 81 9.78 27.92 1.98
N THR B 82 9.77 26.60 2.21
CA THR B 82 8.57 25.92 2.63
C THR B 82 8.14 26.47 3.98
N LEU B 83 9.08 26.60 4.90
CA LEU B 83 8.73 27.14 6.20
C LEU B 83 8.28 28.59 6.14
N GLN B 84 8.90 29.40 5.31
CA GLN B 84 8.47 30.78 5.09
C GLN B 84 7.05 30.81 4.52
N LYS B 85 6.75 30.01 3.48
CA LYS B 85 5.42 30.04 2.85
C LYS B 85 4.33 29.49 3.68
N PHE B 86 4.57 28.40 4.41
CA PHE B 86 3.48 27.64 5.00
C PHE B 86 3.67 27.32 6.44
N GLY B 87 4.81 27.65 7.00
CA GLY B 87 5.01 27.66 8.44
C GLY B 87 5.45 26.38 9.06
N LYS B 88 5.41 25.28 8.34
CA LYS B 88 5.66 23.97 8.92
C LYS B 88 5.83 22.96 7.81
N ILE B 89 6.25 21.77 8.19
CA ILE B 89 6.41 20.68 7.24
C ILE B 89 5.90 19.41 7.89
N ASN B 90 4.95 18.73 7.22
CA ASN B 90 4.42 17.46 7.70
C ASN B 90 4.90 16.23 6.93
N ILE B 91 5.15 16.46 5.64
CA ILE B 91 5.41 15.40 4.72
C ILE B 91 6.55 15.80 3.80
N LEU B 92 7.46 14.87 3.55
CA LEU B 92 8.43 15.03 2.49
C LEU B 92 8.29 13.88 1.52
N VAL B 93 8.16 14.17 0.24
CA VAL B 93 8.23 13.18 -0.79
C VAL B 93 9.51 13.37 -1.59
N ASN B 94 10.44 12.45 -1.41
CA ASN B 94 11.71 12.47 -2.10
C ASN B 94 11.45 11.76 -3.40
N ASN B 95 11.00 12.51 -4.40
CA ASN B 95 10.69 11.95 -5.67
C ASN B 95 11.87 11.94 -6.66
N HIS B 96 12.85 12.78 -6.41
CA HIS B 96 13.93 12.97 -7.35
C HIS B 96 14.75 11.72 -7.66
N GLY B 97 15.23 11.69 -8.88
CA GLY B 97 16.13 10.68 -9.28
C GLY B 97 16.51 10.85 -10.71
N ILE B 98 17.75 10.59 -11.03
CA ILE B 98 18.24 10.77 -12.38
C ILE B 98 18.75 9.51 -12.91
N ASN B 99 18.90 9.48 -14.22
CA ASN B 99 19.57 8.38 -14.87
C ASN B 99 20.24 8.88 -16.13
N PRO B 100 21.45 9.41 -15.98
CA PRO B 100 22.19 9.85 -17.15
C PRO B 100 22.76 8.70 -18.00
N ALA B 101 23.16 7.62 -17.39
CA ALA B 101 23.86 6.58 -18.15
C ALA B 101 22.89 5.65 -18.89
N PHE B 102 23.32 5.15 -20.02
CA PHE B 102 22.68 4.04 -20.64
C PHE B 102 23.73 3.19 -21.33
N GLY B 103 23.90 1.96 -20.90
CA GLY B 103 24.98 1.13 -21.40
C GLY B 103 25.23 0.02 -20.40
N HIS B 104 26.36 -0.63 -20.54
CA HIS B 104 26.73 -1.68 -19.61
C HIS B 104 27.23 -1.12 -18.28
N ILE B 105 26.98 -1.84 -17.20
CA ILE B 105 27.48 -1.40 -15.88
C ILE B 105 28.99 -1.24 -15.77
N LEU B 106 29.72 -2.06 -16.50
CA LEU B 106 31.16 -1.93 -16.57
C LEU B 106 31.65 -0.66 -17.25
N GLU B 107 30.81 -0.03 -18.06
CA GLU B 107 31.14 1.25 -18.72
C GLU B 107 30.75 2.46 -17.86
N VAL B 108 30.22 2.26 -16.65
CA VAL B 108 29.90 3.39 -15.81
C VAL B 108 31.15 3.85 -15.17
N SER B 109 31.52 5.11 -15.43
CA SER B 109 32.71 5.72 -14.79
C SER B 109 32.51 5.88 -13.29
N ASP B 110 33.60 5.97 -12.56
CA ASP B 110 33.58 6.29 -11.13
C ASP B 110 32.84 7.57 -10.85
N GLN B 111 33.03 8.53 -11.73
CA GLN B 111 32.38 9.81 -11.59
C GLN B 111 30.85 9.71 -11.74
N VAL B 112 30.40 9.05 -12.79
CA VAL B 112 28.98 8.85 -13.02
C VAL B 112 28.38 8.01 -11.91
N TRP B 113 29.11 7.00 -11.44
CA TRP B 113 28.69 6.25 -10.28
C TRP B 113 28.39 7.15 -9.09
N ASP B 114 29.35 7.97 -8.73
CA ASP B 114 29.19 8.83 -7.60
C ASP B 114 28.06 9.80 -7.78
N LYS B 115 27.88 10.32 -9.00
CA LYS B 115 26.81 11.25 -9.25
C LYS B 115 25.44 10.62 -9.05
N LEU B 116 25.29 9.38 -9.54
CA LEU B 116 24.07 8.59 -9.39
C LEU B 116 23.70 8.48 -7.92
N PHE B 117 24.67 8.11 -7.09
CA PHE B 117 24.41 8.01 -5.65
C PHE B 117 24.17 9.36 -5.00
N GLU B 118 24.90 10.37 -5.45
CA GLU B 118 24.74 11.71 -4.90
C GLU B 118 23.33 12.20 -5.06
N VAL B 119 22.78 12.07 -6.25
CA VAL B 119 21.44 12.60 -6.49
C VAL B 119 20.37 11.64 -6.03
N ASN B 120 20.54 10.36 -6.34
CA ASN B 120 19.50 9.39 -6.13
C ASN B 120 19.35 8.93 -4.72
N VAL B 121 20.42 9.00 -3.95
CA VAL B 121 20.37 8.52 -2.59
C VAL B 121 20.72 9.59 -1.58
N LYS B 122 21.92 10.14 -1.71
CA LYS B 122 22.38 11.09 -0.74
C LYS B 122 21.46 12.29 -0.57
N ALA B 123 20.98 12.83 -1.68
CA ALA B 123 20.12 14.00 -1.61
C ALA B 123 18.86 13.73 -0.82
N GLY B 124 18.34 12.50 -0.89
CA GLY B 124 17.19 12.14 -0.08
C GLY B 124 17.49 12.03 1.41
N PHE B 125 18.67 11.50 1.71
CA PHE B 125 19.19 11.46 3.09
C PHE B 125 19.34 12.89 3.64
N GLN B 126 19.92 13.78 2.83
CA GLN B 126 20.13 15.16 3.21
C GLN B 126 18.83 15.90 3.44
N MET B 127 17.89 15.76 2.52
CA MET B 127 16.57 16.37 2.65
C MET B 127 15.88 15.84 3.89
N THR B 128 16.07 14.56 4.19
CA THR B 128 15.48 13.96 5.34
C THR B 128 16.07 14.57 6.61
N LYS B 129 17.38 14.73 6.69
CA LYS B 129 17.97 15.43 7.87
C LYS B 129 17.49 16.88 7.99
N LEU B 130 17.27 17.57 6.90
CA LEU B 130 16.79 18.95 7.02
C LEU B 130 15.34 19.05 7.46
N VAL B 131 14.44 18.20 6.93
CA VAL B 131 13.04 18.30 7.30
C VAL B 131 12.79 17.67 8.62
N HIS B 132 13.64 16.74 9.06
CA HIS B 132 13.37 16.00 10.24
C HIS B 132 12.87 16.80 11.47
N PRO B 133 13.63 17.80 11.93
CA PRO B 133 13.18 18.51 13.14
C PRO B 133 11.86 19.17 12.96
N HIS B 134 11.56 19.61 11.75
CA HIS B 134 10.31 20.31 11.49
C HIS B 134 9.11 19.37 11.50
N ILE B 135 9.29 18.20 10.91
CA ILE B 135 8.23 17.20 10.93
C ILE B 135 8.05 16.71 12.37
N ALA B 136 9.13 16.39 13.06
CA ALA B 136 9.02 15.93 14.46
C ALA B 136 8.24 16.94 15.33
N LYS B 137 8.45 18.22 15.08
CA LYS B 137 7.80 19.30 15.83
C LYS B 137 6.30 19.26 15.61
N GLU B 138 5.81 18.76 14.48
CA GLU B 138 4.36 18.63 14.29
C GLU B 138 3.78 17.38 14.95
N GLY B 139 4.59 16.64 15.70
CA GLY B 139 4.16 15.40 16.30
C GLY B 139 4.37 14.18 15.43
N GLY B 140 5.00 14.37 14.28
CA GLY B 140 5.18 13.29 13.33
C GLY B 140 4.61 13.65 11.98
N GLY B 141 4.69 12.68 11.09
CA GLY B 141 4.35 12.88 9.71
C GLY B 141 4.88 11.71 8.91
N ALA B 142 5.27 11.99 7.69
CA ALA B 142 5.61 10.98 6.78
C ALA B 142 6.66 11.43 5.78
N ILE B 143 7.51 10.48 5.36
CA ILE B 143 8.47 10.69 4.31
C ILE B 143 8.33 9.51 3.37
N ILE B 144 8.25 9.82 2.08
CA ILE B 144 8.10 8.82 1.06
C ILE B 144 9.26 8.91 0.10
N PHE B 145 9.85 7.77 -0.25
CA PHE B 145 10.87 7.72 -1.29
C PHE B 145 10.32 7.09 -2.53
N ASN B 146 10.58 7.69 -3.67
CA ASN B 146 10.35 7.06 -4.94
C ASN B 146 11.57 6.33 -5.40
N ALA B 147 11.54 5.03 -5.24
CA ALA B 147 12.62 4.15 -5.68
C ALA B 147 12.31 3.70 -7.10
N SER B 148 12.23 2.39 -7.32
CA SER B 148 11.91 1.83 -8.60
C SER B 148 11.81 0.30 -8.44
N TYR B 149 10.95 -0.30 -9.27
CA TYR B 149 10.89 -1.74 -9.41
CA TYR B 149 10.89 -1.76 -9.43
C TYR B 149 12.29 -2.31 -9.78
N SER B 150 13.07 -1.49 -10.45
CA SER B 150 14.41 -1.93 -10.84
C SER B 150 15.41 -1.99 -9.58
N ALA B 151 14.93 -1.54 -8.39
CA ALA B 151 15.58 -1.86 -7.11
C ALA B 151 15.63 -3.39 -6.88
N TYR B 152 14.60 -4.07 -7.41
CA TYR B 152 14.38 -5.47 -7.16
C TYR B 152 14.78 -6.30 -8.35
N LYS B 153 14.41 -5.88 -9.55
CA LYS B 153 14.83 -6.58 -10.76
C LYS B 153 15.87 -5.75 -11.50
N SER B 154 17.12 -6.18 -11.48
CA SER B 154 18.21 -5.41 -12.06
C SER B 154 17.97 -5.32 -13.56
N PRO B 155 17.79 -4.09 -14.10
CA PRO B 155 17.50 -3.97 -15.51
C PRO B 155 18.80 -3.93 -16.35
N PRO B 156 18.71 -4.33 -17.64
CA PRO B 156 19.82 -4.04 -18.57
C PRO B 156 19.91 -2.51 -18.85
N GLY B 157 21.10 -2.03 -19.25
CA GLY B 157 21.32 -0.63 -19.66
C GLY B 157 21.38 0.44 -18.57
N ILE B 158 20.61 0.29 -17.47
CA ILE B 158 20.52 1.27 -16.40
C ILE B 158 20.73 0.59 -15.06
N ALA B 159 21.57 -0.43 -15.07
CA ALA B 159 21.86 -1.25 -13.89
C ALA B 159 22.43 -0.45 -12.68
N ALA B 160 23.31 0.53 -12.96
CA ALA B 160 23.91 1.36 -11.90
C ALA B 160 22.79 2.17 -11.22
N TYR B 161 21.95 2.77 -12.04
CA TYR B 161 20.74 3.42 -11.57
C TYR B 161 19.94 2.51 -10.68
N GLY B 162 19.74 1.27 -11.14
CA GLY B 162 18.98 0.26 -10.39
C GLY B 162 19.53 0.01 -9.00
N VAL B 163 20.84 -0.10 -8.92
CA VAL B 163 21.54 -0.24 -7.68
C VAL B 163 21.23 0.93 -6.72
N THR B 164 21.16 2.16 -7.24
CA THR B 164 20.82 3.31 -6.40
C THR B 164 19.44 3.11 -5.84
N LYS B 165 18.56 2.49 -6.61
CA LYS B 165 17.22 2.30 -6.16
C LYS B 165 17.09 1.19 -5.13
N THR B 166 17.88 0.13 -5.27
CA THR B 166 18.04 -0.87 -4.22
C THR B 166 18.48 -0.18 -2.91
N THR B 167 19.44 0.71 -3.02
CA THR B 167 19.91 1.47 -1.87
C THR B 167 18.76 2.18 -1.19
N LEU B 168 17.83 2.72 -1.97
CA LEU B 168 16.68 3.45 -1.42
C LEU B 168 15.71 2.61 -0.62
N VAL B 169 15.62 1.35 -0.98
CA VAL B 169 14.90 0.38 -0.19
C VAL B 169 15.49 0.28 1.21
N GLY B 170 16.82 0.21 1.27
CA GLY B 170 17.54 0.13 2.52
C GLY B 170 17.44 1.44 3.26
N LEU B 171 17.54 2.55 2.53
CA LEU B 171 17.49 3.85 3.17
C LEU B 171 16.09 4.07 3.74
N THR B 172 15.08 3.65 3.00
CA THR B 172 13.68 3.77 3.48
C THR B 172 13.52 3.06 4.75
N ARG B 173 14.05 1.86 4.80
CA ARG B 173 13.92 1.06 5.99
C ARG B 173 14.70 1.65 7.18
N ALA B 174 15.95 2.02 6.93
CA ALA B 174 16.79 2.56 7.97
C ALA B 174 16.19 3.85 8.59
N LEU B 175 15.67 4.74 7.74
CA LEU B 175 15.05 5.93 8.22
C LEU B 175 13.78 5.62 8.96
N ALA B 176 13.04 4.61 8.51
CA ALA B 176 11.85 4.17 9.22
C ALA B 176 12.17 3.72 10.63
N MET B 177 13.20 2.90 10.77
CA MET B 177 13.53 2.40 12.11
C MET B 177 14.01 3.56 13.02
N GLY B 178 14.71 4.52 12.42
CA GLY B 178 15.34 5.56 13.13
C GLY B 178 14.39 6.71 13.49
N LEU B 179 13.35 6.94 12.68
CA LEU B 179 12.46 8.05 12.91
C LEU B 179 11.12 7.70 13.53
N ALA B 180 10.91 6.42 13.74
CA ALA B 180 9.75 5.90 14.45
C ALA B 180 9.63 6.57 15.83
N LYS B 181 10.73 6.79 16.53
CA LYS B 181 10.61 7.45 17.81
C LYS B 181 9.93 8.85 17.71
N ASP B 182 9.95 9.49 16.55
CA ASP B 182 9.33 10.78 16.32
C ASP B 182 7.96 10.69 15.64
N ASN B 183 7.45 9.46 15.53
CA ASN B 183 6.24 9.14 14.86
C ASN B 183 6.27 9.66 13.42
N ILE B 184 7.45 9.49 12.80
CA ILE B 184 7.59 9.80 11.41
C ILE B 184 7.68 8.46 10.70
N ARG B 185 6.78 8.24 9.77
CA ARG B 185 6.76 6.95 9.03
C ARG B 185 7.46 7.19 7.74
N VAL B 186 8.27 6.24 7.34
CA VAL B 186 9.06 6.38 6.15
C VAL B 186 8.76 5.15 5.30
N ASN B 187 8.23 5.35 4.11
CA ASN B 187 7.87 4.27 3.21
C ASN B 187 8.28 4.64 1.80
N GLY B 188 8.20 3.73 0.87
CA GLY B 188 8.54 4.05 -0.50
C GLY B 188 7.63 3.41 -1.52
N ILE B 189 7.75 3.89 -2.74
CA ILE B 189 7.12 3.30 -3.88
C ILE B 189 8.20 2.84 -4.81
N ALA B 190 7.95 1.76 -5.52
CA ALA B 190 8.91 1.19 -6.46
C ALA B 190 8.19 1.01 -7.78
N PRO B 191 8.04 2.10 -8.55
CA PRO B 191 7.29 1.99 -9.79
C PRO B 191 7.98 1.14 -10.85
N GLY B 192 7.16 0.50 -11.66
CA GLY B 192 7.60 -0.13 -12.92
C GLY B 192 7.72 0.92 -14.01
N VAL B 193 7.58 0.52 -15.26
CA VAL B 193 7.78 1.47 -16.36
C VAL B 193 6.56 2.40 -16.39
N ILE B 194 6.80 3.64 -16.02
CA ILE B 194 5.84 4.73 -16.04
C ILE B 194 6.20 5.66 -17.20
N LYS B 195 5.21 5.97 -18.03
CA LYS B 195 5.42 6.81 -19.21
C LYS B 195 5.59 8.30 -18.83
N THR B 196 6.85 8.73 -18.90
CA THR B 196 7.31 10.07 -18.58
C THR B 196 8.48 10.30 -19.53
N LYS B 197 8.99 11.54 -19.52
CA LYS B 197 10.18 11.88 -20.31
C LYS B 197 11.36 10.97 -19.94
N MET B 198 11.56 10.70 -18.67
CA MET B 198 12.67 9.86 -18.20
C MET B 198 12.72 8.45 -18.83
N SER B 199 11.59 7.78 -18.87
CA SER B 199 11.54 6.41 -19.39
C SER B 199 11.24 6.32 -20.92
N GLN B 200 11.05 7.47 -21.57
CA GLN B 200 10.67 7.61 -22.99
C GLN B 200 11.40 6.69 -23.98
N VAL B 201 12.71 6.61 -23.86
CA VAL B 201 13.53 5.71 -24.72
C VAL B 201 13.12 4.23 -24.70
N LEU B 202 12.59 3.77 -23.57
CA LEU B 202 12.09 2.39 -23.47
C LEU B 202 10.74 2.15 -24.18
N TRP B 203 9.85 3.13 -24.28
CA TRP B 203 8.45 2.85 -24.71
C TRP B 203 7.92 3.62 -25.93
N ASP B 204 8.77 4.38 -26.61
CA ASP B 204 8.33 5.38 -27.58
C ASP B 204 8.54 5.00 -29.04
N GLY B 205 8.07 3.80 -29.41
CA GLY B 205 7.98 3.37 -30.82
C GLY B 205 6.55 3.06 -31.28
N GLY B 206 5.57 3.79 -30.73
CA GLY B 206 4.15 3.57 -31.02
C GLY B 206 3.46 2.67 -30.02
N GLU B 207 2.20 2.33 -30.28
CA GLU B 207 1.32 1.65 -29.30
C GLU B 207 1.52 0.14 -29.12
N ASP B 208 2.32 -0.46 -30.01
CA ASP B 208 2.63 -1.90 -30.08
C ASP B 208 4.14 -2.14 -29.82
N ALA B 209 4.96 -1.09 -29.89
CA ALA B 209 6.21 -1.06 -29.14
C ALA B 209 5.92 -1.05 -27.63
N GLU B 210 4.83 -0.40 -27.22
CA GLU B 210 4.31 -0.45 -25.81
C GLU B 210 3.77 -1.81 -25.40
N LYS B 211 3.00 -2.45 -26.28
CA LYS B 211 2.51 -3.82 -26.07
C LYS B 211 3.65 -4.88 -26.10
N GLU B 212 4.65 -4.69 -26.97
CA GLU B 212 5.86 -5.53 -26.98
C GLU B 212 6.68 -5.37 -25.71
N LEU B 213 6.79 -4.15 -25.20
CA LEU B 213 7.45 -3.88 -23.93
C LEU B 213 6.68 -4.55 -22.76
N THR B 214 5.33 -4.53 -22.77
CA THR B 214 4.57 -5.13 -21.68
C THR B 214 4.68 -6.67 -21.65
N ASP B 215 4.86 -7.31 -22.81
CA ASP B 215 5.25 -8.72 -22.82
C ASP B 215 6.67 -8.94 -22.39
N ILE B 216 7.67 -8.18 -22.85
CA ILE B 216 9.07 -8.41 -22.43
C ILE B 216 9.21 -8.31 -20.87
N GLN B 217 8.56 -7.27 -20.35
CA GLN B 217 8.60 -6.90 -18.97
C GLN B 217 7.75 -7.85 -18.13
N GLU B 218 6.80 -8.56 -18.76
CA GLU B 218 5.91 -9.53 -18.09
C GLU B 218 4.97 -8.78 -17.14
N ILE B 219 4.33 -7.74 -17.67
CA ILE B 219 3.42 -6.90 -16.91
C ILE B 219 2.03 -7.55 -16.97
N ALA B 220 1.63 -8.13 -15.85
CA ALA B 220 0.39 -8.91 -15.77
C ALA B 220 -0.74 -8.09 -16.35
N LEU B 221 -0.85 -6.83 -15.93
CA LEU B 221 -1.98 -6.02 -16.34
C LEU B 221 -1.90 -5.49 -17.77
N GLY B 222 -0.85 -5.79 -18.52
CA GLY B 222 -0.88 -5.62 -19.98
C GLY B 222 -0.80 -4.17 -20.48
N ARG B 223 -0.24 -3.30 -19.66
CA ARG B 223 -0.04 -1.90 -20.01
C ARG B 223 1.04 -1.24 -19.18
N LEU B 224 1.52 -0.13 -19.68
CA LEU B 224 2.49 0.70 -19.02
C LEU B 224 1.79 1.61 -18.04
N GLY B 225 2.54 2.04 -17.05
CA GLY B 225 1.98 2.94 -16.04
C GLY B 225 1.93 4.35 -16.57
N VAL B 226 1.19 5.19 -15.86
CA VAL B 226 1.21 6.62 -16.08
C VAL B 226 1.47 7.27 -14.73
N PRO B 227 1.90 8.55 -14.71
CA PRO B 227 2.25 9.20 -13.45
C PRO B 227 1.18 9.09 -12.38
N ASP B 228 -0.08 9.22 -12.78
CA ASP B 228 -1.16 9.18 -11.88
C ASP B 228 -1.23 7.79 -11.17
N ASP B 229 -0.74 6.72 -11.79
CA ASP B 229 -0.70 5.43 -11.11
C ASP B 229 0.10 5.40 -9.83
N CYS B 230 0.98 6.40 -9.63
CA CYS B 230 1.77 6.44 -8.43
C CYS B 230 1.11 7.28 -7.36
N ALA B 231 0.19 8.16 -7.72
CA ALA B 231 -0.17 9.24 -6.81
C ALA B 231 -1.03 8.77 -5.65
N GLY B 232 -1.93 7.84 -5.97
CA GLY B 232 -2.84 7.25 -4.99
C GLY B 232 -2.08 6.53 -3.90
N THR B 233 -1.00 5.92 -4.30
CA THR B 233 -0.17 5.22 -3.34
C THR B 233 0.55 6.18 -2.41
N VAL B 234 1.13 7.23 -3.00
CA VAL B 234 1.85 8.26 -2.18
C VAL B 234 0.92 8.89 -1.19
N ALA B 235 -0.28 9.22 -1.65
CA ALA B 235 -1.27 9.84 -0.80
C ALA B 235 -1.66 8.90 0.36
N TYR B 236 -1.90 7.65 0.02
CA TYR B 236 -2.14 6.62 0.99
C TYR B 236 -1.01 6.53 2.01
N LEU B 237 0.22 6.44 1.53
CA LEU B 237 1.36 6.30 2.44
C LEU B 237 1.61 7.56 3.33
N ALA B 238 1.23 8.72 2.86
CA ALA B 238 1.44 9.91 3.61
C ALA B 238 0.27 10.24 4.53
N SER B 239 -0.84 9.50 4.42
CA SER B 239 -2.07 9.79 5.19
C SER B 239 -2.18 8.83 6.36
N ASP B 240 -3.17 9.11 7.22
CA ASP B 240 -3.48 8.23 8.35
C ASP B 240 -4.04 6.85 7.93
N ASP B 241 -4.41 6.65 6.67
CA ASP B 241 -4.79 5.37 6.18
C ASP B 241 -3.68 4.30 6.29
N SER B 242 -2.46 4.75 6.56
CA SER B 242 -1.27 3.88 6.68
C SER B 242 -0.53 4.14 7.98
N SER B 243 -1.26 4.58 9.03
CA SER B 243 -0.65 5.03 10.25
C SER B 243 0.09 3.95 11.00
N TYR B 244 -0.12 2.68 10.65
CA TYR B 244 0.61 1.59 11.28
C TYR B 244 1.61 0.95 10.31
N ILE B 245 2.02 1.67 9.28
CA ILE B 245 2.91 1.12 8.24
C ILE B 245 4.12 1.99 8.14
N THR B 246 5.29 1.39 8.41
CA THR B 246 6.53 2.08 8.21
C THR B 246 7.60 1.12 7.73
N GLY B 247 8.51 1.60 6.89
CA GLY B 247 9.60 0.79 6.40
C GLY B 247 9.32 -0.04 5.17
N GLU B 248 8.16 0.14 4.59
CA GLU B 248 7.72 -0.63 3.46
C GLU B 248 7.82 0.03 2.10
N MET B 249 8.05 -0.81 1.11
CA MET B 249 8.03 -0.47 -0.29
C MET B 249 6.79 -1.09 -0.95
N ILE B 250 6.09 -0.30 -1.74
CA ILE B 250 5.00 -0.79 -2.55
C ILE B 250 5.43 -0.76 -4.02
N ILE B 251 5.48 -1.93 -4.65
CA ILE B 251 5.80 -2.01 -6.06
C ILE B 251 4.58 -1.65 -6.90
N ILE B 252 4.76 -0.79 -7.87
CA ILE B 252 3.63 -0.22 -8.65
C ILE B 252 3.99 -0.47 -10.07
N ALA B 253 3.86 -1.74 -10.50
CA ALA B 253 4.42 -2.17 -11.75
C ALA B 253 3.50 -3.02 -12.57
N GLY B 254 2.20 -2.93 -12.32
CA GLY B 254 1.24 -3.70 -13.06
C GLY B 254 1.34 -5.21 -12.91
N GLY B 255 1.98 -5.70 -11.86
CA GLY B 255 2.11 -7.13 -11.59
C GLY B 255 3.39 -7.80 -12.01
N VAL B 256 4.44 -7.04 -12.23
CA VAL B 256 5.75 -7.61 -12.48
C VAL B 256 6.18 -8.17 -11.16
N GLN B 257 6.74 -9.39 -11.19
CA GLN B 257 7.17 -10.16 -9.99
C GLN B 257 8.68 -9.97 -9.69
N ALA B 258 9.03 -9.41 -8.53
CA ALA B 258 10.45 -9.34 -8.19
C ALA B 258 10.82 -9.58 -6.76
N ARG B 259 9.82 -9.74 -5.91
CA ARG B 259 10.05 -10.32 -4.59
C ARG B 259 8.78 -10.97 -4.10
N LEU B 260 8.92 -11.71 -3.02
CA LEU B 260 7.80 -12.31 -2.32
C LEU B 260 7.35 -11.37 -1.16
PA NAP C . -11.28 -12.08 15.37
O1A NAP C . -11.26 -13.18 16.39
O2A NAP C . -11.46 -10.60 15.69
O5B NAP C . -12.43 -12.33 14.26
C5B NAP C . -12.76 -13.60 13.78
C4B NAP C . -13.90 -13.44 12.80
O4B NAP C . -13.92 -14.63 11.96
C3B NAP C . -15.25 -13.35 13.49
O3B NAP C . -16.15 -12.59 12.68
C2B NAP C . -15.65 -14.80 13.49
O2B NAP C . -17.05 -14.92 13.66
C1B NAP C . -15.15 -15.30 12.12
N9A NAP C . -14.87 -16.77 11.94
C8A NAP C . -14.12 -17.61 12.71
N7A NAP C . -14.12 -18.85 12.17
C5A NAP C . -14.90 -18.78 11.06
C6A NAP C . -15.36 -19.71 10.02
N6A NAP C . -14.93 -20.95 10.12
N1A NAP C . -16.16 -19.29 8.99
C2A NAP C . -16.54 -17.99 8.94
N3A NAP C . -16.18 -17.08 9.88
C4A NAP C . -15.37 -17.42 10.90
O3 NAP C . -9.97 -12.33 14.45
PN NAP C . -9.06 -11.25 13.58
O1N NAP C . -7.79 -11.20 14.41
O2N NAP C . -9.90 -10.07 13.15
O5D NAP C . -8.72 -12.26 12.33
C5D NAP C . -9.20 -12.13 11.02
C4D NAP C . -8.04 -12.44 10.11
O4D NAP C . -6.91 -11.62 10.49
C3D NAP C . -7.56 -13.90 10.08
O3D NAP C . -7.23 -14.28 8.76
C2D NAP C . -6.27 -13.85 10.88
O2D NAP C . -5.39 -14.95 10.58
C1D NAP C . -5.77 -12.47 10.41
N1N NAP C . -4.69 -11.88 11.21
C2N NAP C . -4.94 -11.55 12.50
C3N NAP C . -3.91 -11.00 13.29
C7N NAP C . -4.12 -10.57 14.74
O7N NAP C . -3.12 -10.35 15.42
N7N NAP C . -5.37 -10.43 15.28
C4N NAP C . -2.64 -10.83 12.71
C5N NAP C . -2.45 -11.20 11.36
C6N NAP C . -3.51 -11.71 10.62
P2B NAP C . -17.75 -16.32 14.14
O1X NAP C . -19.19 -15.78 14.08
O2X NAP C . -17.15 -16.74 15.50
O3X NAP C . -17.48 -17.33 12.99
O1 BUO D . -0.70 -13.53 12.68
C1 BUO D . -0.93 -13.61 13.88
C4 BUO D . -2.25 -13.99 14.57
C2 BUO D . 0.13 -13.28 14.86
C3 BUO D . 1.54 -13.57 14.46
O2 BUO D . -0.23 -12.77 15.90
PA NAP E . 10.28 13.09 -15.41
O1A NAP E . 11.28 13.20 -16.53
O2A NAP E . 8.77 13.05 -15.76
O5B NAP E . 10.51 14.29 -14.40
C5B NAP E . 11.74 14.47 -13.68
C4B NAP E . 11.52 15.67 -12.76
O4B NAP E . 12.72 15.82 -11.98
C3B NAP E . 11.27 17.02 -13.47
O3B NAP E . 10.31 17.84 -12.73
C2B NAP E . 12.67 17.64 -13.47
O2B NAP E . 12.65 19.06 -13.61
C1B NAP E . 13.14 17.20 -12.11
N9A NAP E . 14.59 17.15 -11.92
C8A NAP E . 15.40 16.44 -12.69
N7A NAP E . 16.67 16.53 -12.23
C5A NAP E . 16.66 17.31 -11.13
C6A NAP E . 17.67 17.76 -10.16
N6A NAP E . 18.96 17.40 -10.34
N1A NAP E . 17.22 18.55 -9.14
C2A NAP E . 15.90 18.86 -8.97
N3A NAP E . 14.92 18.46 -9.81
C4A NAP E . 15.25 17.70 -10.90
O3 NAP E . 10.73 11.80 -14.54
PN NAP E . 9.88 10.70 -13.67
O1N NAP E . 9.89 9.44 -14.51
O2N NAP E . 8.64 11.32 -13.09
O5D NAP E . 10.93 10.46 -12.43
C5D NAP E . 10.60 10.79 -11.09
C4D NAP E . 11.05 9.64 -10.23
O4D NAP E . 10.40 8.45 -10.65
C3D NAP E . 12.59 9.37 -10.27
O3D NAP E . 13.03 9.15 -8.94
C2D NAP E . 12.68 8.08 -11.08
O2D NAP E . 13.88 7.36 -10.82
C1D NAP E . 11.39 7.42 -10.61
N1N NAP E . 10.97 6.31 -11.42
C2N NAP E . 10.57 6.55 -12.68
C3N NAP E . 10.17 5.49 -13.46
C7N NAP E . 9.73 5.71 -14.88
O7N NAP E . 9.56 4.70 -15.55
N7N NAP E . 9.53 6.97 -15.38
C4N NAP E . 10.17 4.17 -12.96
C5N NAP E . 10.57 3.94 -11.63
C6N NAP E . 10.97 5.05 -10.88
P2B NAP E . 13.88 19.98 -14.17
O1X NAP E . 13.20 21.34 -14.09
O2X NAP E . 14.34 19.45 -15.53
O3X NAP E . 14.89 19.74 -13.06
O1 BUO F . 13.04 3.78 -13.24
C1 BUO F . 13.12 3.61 -14.45
C4 BUO F . 13.54 4.62 -15.50
C2 BUO F . 12.79 2.29 -14.95
C3 BUO F . 13.27 1.21 -14.03
O2 BUO F . 12.22 2.15 -16.02
#